data_6R14
#
_entry.id   6R14
#
loop_
_entity.id
_entity.type
_entity.pdbx_description
1 polymer 'Kiteplatinated DNA oligomer, chain A'
2 polymer 'Kiteplatinated DNA oligomer, chain B'
3 non-polymer Kiteplatin
#
loop_
_entity_poly.entity_id
_entity_poly.type
_entity_poly.pdbx_seq_one_letter_code
_entity_poly.pdbx_strand_id
1 'polydeoxyribonucleotide' (DC)(DC)(DT)(DC)(DA)(DG)(DG)(DC)(DC)(DT)(DC)(DC) A
2 'polydeoxyribonucleotide' (DG)(DG)(DA)(DG)(DG)(DC)(DC)(DT)(DG)(DA)(DG)(DG) B
#